data_5V7V
#
_entry.id   5V7V
#
_cell.length_a   1.0
_cell.length_b   1.0
_cell.length_c   1.0
_cell.angle_alpha   90.00
_cell.angle_beta   90.00
_cell.angle_gamma   90.00
#
_symmetry.space_group_name_H-M   'P 1'
#
loop_
_entity.id
_entity.type
_entity.pdbx_description
1 polymer 'ERAD-associated E3 ubiquitin-protein ligase component HRD3'
2 branched beta-D-mannopyranose-(1-4)-2-acetamido-2-deoxy-beta-D-glucopyranose-(1-4)-2-acetamido-2-deoxy-beta-D-glucopyranose
3 non-polymer 2-acetamido-2-deoxy-beta-D-glucopyranose
#
_entity_poly.entity_id   1
_entity_poly.type   'polypeptide(L)'
_entity_poly.pdbx_seq_one_letter_code
;MITLLLYLCVICNAIVLIRADSIADPWPEARHLLNTIAKSRDPMKEAAMEPNADEFVGFYVPMDYSPRNEEKNYQSIWQN
EITDSQRHIYELLVQSSEQFNNSEATYTLSQIHLWSQYNFPHNMTLAHKYLEKFNDLTHFTNHSAIFDLAVMYATGGCAS
GNDQTVIPQDSAKALLYYQRAAQLGNLKAKQVLAYKYYSGFNVPRNFHKSLVLYRDIAEQLRKSYSRDEWDIVFPYWESY
NVRISDFESGLLGKGLNSVPSSTVRKRTTRPDIGSPFIAQVNGVQMTLQIEPMGRFAFNGNDGNINGDEDDEDASERRII
RIYYAALNDYKGTYSQSRNCERAKNLLELTYKEFQPHVDNLDPLQVFYYVRCLQLLGHMYFTGEGSSKPNIHMAEEILTT
SLEISRRAQGPIGRACIDLGLINQYITNNISQAISYYMKAMKTQANNGIVEFQLSKLATSFPEEKIGDPFNLMETAYLNG
FIPAIYEFAVMIESGMNSKSSVENTAYLFKTFVDKNEAIMAPKLRTAFAALINDRSEVALWAYSQLAEQGYETAQVSAAY
LMYQLPYEFEDPPRTTDQRKTLAISYYTRAFKQGNIDAGVVAGDIYFQMQNYSKAMALYQGAALKYSIQAIWNLGYMHEH
GLGVNRDFHLAKRYYDQVSEHDHRFYLASKLSVLKLHLKSWLTWITREKVNYWKPSSPLNPNEDTQHSKTSWYKQLTKIL
QRMRHKEDSDKAAEDSHKHRTVVQNGANHRGDDQEEASEILGFQMEDGGGENLYFQSGGGMDEKTTGWRGGHVVEGLAGE
LEQLRARLEHHPQGQREP
;
_entity_poly.pdbx_strand_id   A
#
# COMPACT_ATOMS: atom_id res chain seq x y z
N PRO A 26 9.82 0.54 -40.94
CA PRO A 26 8.71 -0.01 -40.14
C PRO A 26 8.35 0.76 -38.87
N TRP A 27 9.32 1.01 -37.99
CA TRP A 27 8.94 1.53 -36.68
C TRP A 27 8.54 3.00 -36.70
N PRO A 28 9.37 3.91 -37.22
CA PRO A 28 9.13 5.34 -36.98
C PRO A 28 7.78 5.83 -37.49
N GLU A 29 7.17 5.11 -38.42
CA GLU A 29 5.79 5.38 -38.78
C GLU A 29 4.86 4.98 -37.64
N ALA A 30 5.17 3.85 -36.98
CA ALA A 30 4.34 3.37 -35.89
C ALA A 30 4.32 4.36 -34.73
N ARG A 31 5.40 5.12 -34.56
CA ARG A 31 5.43 6.11 -33.51
C ARG A 31 4.29 7.11 -33.64
N HIS A 32 3.91 7.48 -34.86
CA HIS A 32 2.74 8.32 -35.08
C HIS A 32 1.46 7.61 -34.67
N LEU A 33 1.42 6.29 -34.82
CA LEU A 33 0.20 5.56 -34.49
C LEU A 33 0.02 5.46 -32.99
N LEU A 34 1.04 4.98 -32.29
CA LEU A 34 0.99 4.92 -30.84
C LEU A 34 0.85 6.30 -30.24
N ASN A 35 1.29 7.35 -30.93
CA ASN A 35 0.86 8.69 -30.56
C ASN A 35 -0.64 8.83 -30.71
N THR A 36 -1.20 8.34 -31.82
CA THR A 36 -2.62 8.57 -32.10
C THR A 36 -3.51 7.90 -31.07
N ILE A 37 -3.15 6.71 -30.63
CA ILE A 37 -4.10 5.85 -29.91
C ILE A 37 -4.43 6.37 -28.52
N ALA A 38 -3.49 7.03 -27.84
CA ALA A 38 -3.74 7.65 -26.54
C ALA A 38 -4.20 6.63 -25.49
N LYS A 39 -3.25 5.77 -25.11
CA LYS A 39 -3.47 4.66 -24.21
C LYS A 39 -2.94 4.97 -22.81
N SER A 40 -2.85 3.93 -21.98
CA SER A 40 -2.47 4.02 -20.57
C SER A 40 -3.54 4.79 -19.80
N ARG A 41 -4.77 4.32 -19.94
CA ARG A 41 -5.93 5.03 -19.42
C ARG A 41 -6.12 4.77 -17.94
N ASP A 42 -6.55 5.81 -17.21
CA ASP A 42 -6.93 5.77 -15.81
C ASP A 42 -8.39 6.19 -15.65
N PRO A 43 -9.22 5.45 -14.89
CA PRO A 43 -10.60 5.90 -14.67
C PRO A 43 -10.75 6.97 -13.60
N MET A 44 -9.91 6.95 -12.57
CA MET A 44 -10.12 7.90 -11.48
C MET A 44 -9.89 9.32 -11.95
N LYS A 45 -8.94 9.52 -12.85
CA LYS A 45 -8.79 10.82 -13.48
C LYS A 45 -10.04 11.20 -14.26
N GLU A 46 -10.71 10.22 -14.86
CA GLU A 46 -11.91 10.48 -15.62
C GLU A 46 -13.08 10.83 -14.70
N ALA A 47 -13.08 10.32 -13.47
CA ALA A 47 -14.11 10.60 -12.50
C ALA A 47 -13.75 11.73 -11.55
N ALA A 48 -12.58 12.34 -11.71
CA ALA A 48 -12.21 13.49 -10.90
C ALA A 48 -13.14 14.66 -11.18
N MET A 49 -13.39 14.94 -12.45
CA MET A 49 -14.15 16.12 -12.84
C MET A 49 -15.66 15.87 -12.79
N GLU A 50 -16.07 14.76 -13.19
CA GLU A 50 -17.46 14.56 -13.54
C GLU A 50 -18.30 14.25 -12.30
N PRO A 51 -19.58 14.63 -12.26
CA PRO A 51 -20.47 14.05 -11.25
C PRO A 51 -20.67 12.57 -11.52
N ASN A 52 -20.62 11.77 -10.46
CA ASN A 52 -20.45 10.33 -10.58
C ASN A 52 -21.27 9.62 -9.52
N ALA A 53 -21.24 8.28 -9.57
CA ALA A 53 -22.04 7.48 -8.65
C ALA A 53 -21.58 7.65 -7.21
N ASP A 54 -20.27 7.80 -6.99
CA ASP A 54 -19.71 7.79 -5.65
C ASP A 54 -19.94 6.45 -4.98
N GLU A 55 -19.92 5.38 -5.77
CA GLU A 55 -20.46 4.09 -5.37
C GLU A 55 -19.64 2.97 -6.01
N PHE A 56 -19.05 2.13 -5.17
CA PHE A 56 -18.37 0.94 -5.65
C PHE A 56 -18.11 0.03 -4.46
N VAL A 57 -18.36 -1.26 -4.64
CA VAL A 57 -18.09 -2.24 -3.58
C VAL A 57 -18.21 -3.66 -4.13
N GLY A 58 -17.35 -4.56 -3.65
CA GLY A 58 -17.49 -5.98 -3.93
C GLY A 58 -17.59 -6.31 -5.41
N PHE A 59 -16.95 -5.50 -6.24
CA PHE A 59 -17.13 -5.45 -7.69
C PHE A 59 -17.20 -6.81 -8.39
N TYR A 60 -16.14 -7.60 -8.36
CA TYR A 60 -16.05 -8.85 -9.10
C TYR A 60 -14.68 -9.47 -8.85
N VAL A 61 -14.62 -10.79 -8.81
CA VAL A 61 -13.35 -11.52 -8.80
C VAL A 61 -13.58 -12.90 -9.39
N PRO A 62 -12.54 -13.57 -9.87
CA PRO A 62 -12.62 -15.01 -10.09
C PRO A 62 -12.16 -15.75 -8.84
N MET A 63 -12.55 -17.02 -8.76
CA MET A 63 -12.08 -17.91 -7.72
C MET A 63 -11.32 -19.11 -8.28
N ASP A 64 -11.49 -19.40 -9.56
CA ASP A 64 -10.74 -20.43 -10.25
C ASP A 64 -10.06 -19.81 -11.47
N TYR A 65 -8.88 -20.33 -11.79
CA TYR A 65 -8.02 -19.72 -12.81
C TYR A 65 -8.29 -20.26 -14.20
N SER A 66 -8.36 -21.58 -14.37
CA SER A 66 -8.71 -22.21 -15.63
C SER A 66 -7.72 -21.83 -16.73
N PRO A 67 -6.48 -22.34 -16.69
CA PRO A 67 -5.45 -21.87 -17.63
C PRO A 67 -5.84 -22.03 -19.09
N ARG A 68 -6.39 -23.17 -19.45
CA ARG A 68 -6.78 -23.41 -20.83
C ARG A 68 -8.02 -22.61 -21.23
N ASN A 69 -8.68 -21.93 -20.28
CA ASN A 69 -9.78 -21.04 -20.62
C ASN A 69 -9.28 -19.67 -21.04
N GLU A 70 -8.18 -19.22 -20.46
CA GLU A 70 -7.64 -17.92 -20.80
C GLU A 70 -7.14 -17.89 -22.24
N GLU A 71 -6.71 -19.04 -22.75
CA GLU A 71 -6.21 -19.09 -24.12
C GLU A 71 -7.33 -18.88 -25.12
N LYS A 72 -8.49 -19.49 -24.86
CA LYS A 72 -9.62 -19.31 -25.76
C LYS A 72 -10.25 -17.94 -25.60
N ASN A 73 -10.26 -17.40 -24.38
CA ASN A 73 -10.75 -16.04 -24.19
C ASN A 73 -9.88 -15.05 -24.94
N TYR A 74 -8.57 -15.21 -24.79
CA TYR A 74 -7.57 -14.46 -25.56
C TYR A 74 -7.85 -14.57 -27.05
N GLN A 75 -8.14 -15.78 -27.52
CA GLN A 75 -8.45 -15.99 -28.92
C GLN A 75 -9.65 -15.17 -29.33
N SER A 76 -10.72 -15.22 -28.55
CA SER A 76 -11.94 -14.50 -28.88
C SER A 76 -11.71 -13.00 -28.95
N ILE A 77 -11.07 -12.44 -27.93
CA ILE A 77 -10.91 -11.00 -27.84
C ILE A 77 -9.98 -10.51 -28.94
N TRP A 78 -8.89 -11.22 -29.16
CA TRP A 78 -7.98 -10.88 -30.25
C TRP A 78 -8.58 -11.20 -31.61
N GLN A 79 -9.70 -11.91 -31.66
CA GLN A 79 -10.41 -12.12 -32.91
C GLN A 79 -11.33 -10.94 -33.21
N ASN A 80 -12.09 -10.49 -32.21
CA ASN A 80 -13.27 -9.68 -32.45
C ASN A 80 -13.14 -8.25 -31.90
N GLU A 81 -12.88 -8.09 -30.60
CA GLU A 81 -12.96 -6.76 -30.00
C GLU A 81 -11.84 -5.86 -30.47
N ILE A 82 -10.71 -6.43 -30.89
CA ILE A 82 -9.67 -5.66 -31.54
C ILE A 82 -10.22 -4.94 -32.77
N THR A 83 -9.51 -3.89 -33.17
CA THR A 83 -9.81 -3.14 -34.38
C THR A 83 -8.87 -3.57 -35.50
N ASP A 84 -9.39 -3.55 -36.73
CA ASP A 84 -8.60 -3.94 -37.89
C ASP A 84 -7.34 -3.08 -38.02
N SER A 85 -7.47 -1.78 -37.80
CA SER A 85 -6.29 -0.94 -37.69
C SER A 85 -5.42 -1.43 -36.55
N GLN A 86 -6.02 -1.59 -35.37
CA GLN A 86 -5.30 -2.01 -34.18
C GLN A 86 -4.58 -3.34 -34.39
N ARG A 87 -5.03 -4.15 -35.34
CA ARG A 87 -4.19 -5.22 -35.86
C ARG A 87 -3.09 -4.66 -36.75
N HIS A 88 -3.44 -3.71 -37.64
CA HIS A 88 -2.49 -3.18 -38.62
C HIS A 88 -1.25 -2.62 -37.94
N ILE A 89 -1.42 -1.95 -36.81
CA ILE A 89 -0.26 -1.47 -36.08
C ILE A 89 0.51 -2.64 -35.51
N TYR A 90 -0.22 -3.57 -34.87
CA TYR A 90 0.39 -4.78 -34.34
C TYR A 90 1.00 -5.66 -35.43
N GLU A 91 0.63 -5.43 -36.69
CA GLU A 91 1.07 -6.28 -37.79
C GLU A 91 2.59 -6.28 -37.92
N LEU A 92 3.16 -5.11 -38.16
CA LEU A 92 4.44 -5.01 -38.84
C LEU A 92 5.57 -4.51 -37.95
N LEU A 93 5.27 -3.98 -36.76
CA LEU A 93 6.32 -3.90 -35.76
C LEU A 93 6.88 -5.27 -35.45
N VAL A 94 5.91 -6.16 -35.20
CA VAL A 94 6.23 -7.57 -34.92
C VAL A 94 6.72 -8.24 -36.25
N GLN A 95 5.99 -8.02 -37.38
CA GLN A 95 6.50 -8.58 -38.67
C GLN A 95 7.85 -7.85 -38.99
N SER A 96 7.90 -6.51 -38.92
CA SER A 96 9.20 -5.80 -39.23
C SER A 96 10.33 -6.24 -38.20
N SER A 97 10.01 -6.30 -36.90
CA SER A 97 11.08 -6.70 -35.93
C SER A 97 11.63 -8.15 -36.26
N GLU A 98 10.74 -9.13 -36.55
CA GLU A 98 11.30 -10.49 -36.86
C GLU A 98 12.17 -10.36 -38.17
N GLN A 99 11.64 -9.70 -39.23
CA GLN A 99 12.44 -9.50 -40.49
C GLN A 99 13.64 -8.58 -40.13
N PHE A 100 13.38 -7.54 -39.34
CA PHE A 100 14.52 -6.60 -39.01
C PHE A 100 15.03 -6.58 -37.53
N ASN A 101 16.35 -6.56 -37.24
CA ASN A 101 16.83 -6.40 -35.81
C ASN A 101 16.64 -5.05 -34.90
N ASN A 102 15.42 -4.50 -35.07
CA ASN A 102 15.14 -3.14 -34.50
C ASN A 102 15.51 -3.11 -32.97
N SER A 103 14.86 -3.99 -32.18
CA SER A 103 15.04 -4.25 -30.75
C SER A 103 14.29 -3.16 -29.98
N GLU A 104 13.89 -2.11 -30.69
CA GLU A 104 13.06 -1.10 -29.93
C GLU A 104 11.57 -1.64 -29.91
N ALA A 105 11.04 -2.10 -31.07
CA ALA A 105 9.64 -2.70 -31.08
C ALA A 105 9.57 -3.97 -30.15
N THR A 106 10.59 -4.85 -30.17
CA THR A 106 10.52 -6.05 -29.28
C THR A 106 10.40 -5.57 -27.78
N TYR A 107 11.19 -4.56 -27.36
CA TYR A 107 11.01 -4.06 -25.96
C TYR A 107 9.54 -3.54 -25.77
N THR A 108 8.99 -2.78 -26.74
CA THR A 108 7.60 -2.24 -26.55
C THR A 108 6.53 -3.37 -26.41
N LEU A 109 6.66 -4.43 -27.20
CA LEU A 109 5.59 -5.43 -27.17
C LEU A 109 5.63 -6.25 -25.89
N SER A 110 6.78 -6.33 -25.23
CA SER A 110 6.78 -6.92 -23.89
C SER A 110 6.01 -6.02 -22.94
N GLN A 111 6.24 -4.71 -23.04
CA GLN A 111 5.52 -3.78 -22.20
C GLN A 111 4.09 -3.55 -22.66
N ILE A 112 3.66 -4.22 -23.74
CA ILE A 112 2.28 -4.10 -24.21
C ILE A 112 1.50 -5.36 -23.89
N HIS A 113 2.16 -6.52 -23.93
CA HIS A 113 1.52 -7.77 -23.57
C HIS A 113 1.78 -8.18 -22.14
N LEU A 114 2.43 -7.30 -21.38
CA LEU A 114 2.74 -7.60 -19.98
C LEU A 114 2.04 -6.57 -19.11
N TRP A 115 1.90 -5.36 -19.63
CA TRP A 115 1.12 -4.29 -19.08
C TRP A 115 -0.40 -3.87 -19.52
N SER A 116 -0.63 -4.43 -20.71
CA SER A 116 -1.93 -4.27 -21.35
C SER A 116 -1.91 -2.70 -21.38
N GLN A 117 -0.76 -2.04 -21.65
CA GLN A 117 -0.69 -0.53 -21.59
C GLN A 117 -1.58 0.24 -22.68
N TYR A 118 -1.51 -0.21 -23.95
CA TYR A 118 -2.56 0.08 -25.01
C TYR A 118 -3.75 -0.91 -24.86
N ASN A 119 -4.86 -0.77 -25.64
CA ASN A 119 -6.06 -1.68 -25.47
C ASN A 119 -5.79 -3.05 -26.17
N PHE A 120 -4.92 -3.92 -25.58
CA PHE A 120 -4.55 -5.30 -26.06
C PHE A 120 -4.47 -6.36 -24.88
N PRO A 121 -4.62 -7.66 -25.13
CA PRO A 121 -4.55 -8.68 -24.08
C PRO A 121 -3.11 -8.93 -23.61
N HIS A 122 -2.98 -9.57 -22.45
CA HIS A 122 -1.71 -9.96 -21.88
C HIS A 122 -1.48 -11.45 -22.08
N ASN A 123 -0.22 -11.81 -22.31
CA ASN A 123 0.17 -13.18 -22.55
C ASN A 123 1.62 -13.32 -22.11
N MET A 124 1.82 -13.76 -20.87
CA MET A 124 3.16 -13.74 -20.28
C MET A 124 4.13 -14.69 -20.97
N THR A 125 3.63 -15.62 -21.77
CA THR A 125 4.49 -16.53 -22.51
C THR A 125 5.36 -15.77 -23.48
N LEU A 126 4.72 -15.13 -24.45
CA LEU A 126 5.47 -14.37 -25.45
C LEU A 126 6.18 -13.18 -24.83
N ALA A 127 5.57 -12.56 -23.82
CA ALA A 127 6.21 -11.41 -23.17
C ALA A 127 7.54 -11.82 -22.57
N HIS A 128 7.52 -12.86 -21.74
CA HIS A 128 8.73 -13.47 -21.24
C HIS A 128 9.68 -13.81 -22.38
N LYS A 129 9.14 -14.32 -23.48
CA LYS A 129 9.97 -14.80 -24.57
C LYS A 129 10.74 -13.65 -25.21
N TYR A 130 10.09 -12.51 -25.42
CA TYR A 130 10.75 -11.37 -26.02
C TYR A 130 11.66 -10.65 -25.04
N LEU A 131 11.45 -10.82 -23.74
CA LEU A 131 12.33 -10.14 -22.79
C LEU A 131 13.76 -10.64 -22.89
N GLU A 132 13.96 -11.94 -23.09
CA GLU A 132 15.33 -12.40 -23.30
C GLU A 132 15.91 -11.83 -24.57
N LYS A 133 15.05 -11.58 -25.57
CA LYS A 133 15.52 -11.00 -26.80
C LYS A 133 16.01 -9.58 -26.57
N PHE A 134 15.26 -8.81 -25.78
CA PHE A 134 15.73 -7.47 -25.42
C PHE A 134 17.02 -7.53 -24.62
N ASN A 135 17.12 -8.48 -23.68
CA ASN A 135 18.29 -8.53 -22.84
C ASN A 135 19.52 -8.89 -23.65
N ASP A 136 19.42 -9.95 -24.46
CA ASP A 136 20.55 -10.43 -25.26
C ASP A 136 21.11 -9.33 -26.13
N LEU A 137 20.25 -8.47 -26.65
CA LEU A 137 20.71 -7.22 -27.20
C LEU A 137 21.28 -6.41 -26.04
N THR A 138 22.60 -6.27 -25.99
CA THR A 138 23.28 -5.59 -24.89
C THR A 138 22.98 -6.28 -23.57
N HIS A 139 23.48 -7.51 -23.46
CA HIS A 139 23.35 -8.31 -22.25
C HIS A 139 23.76 -7.53 -21.00
N PHE A 140 22.81 -7.41 -20.08
CA PHE A 140 23.04 -6.79 -18.77
C PHE A 140 23.50 -5.34 -18.91
N THR A 141 22.60 -4.50 -19.43
CA THR A 141 22.78 -3.06 -19.43
C THR A 141 21.59 -2.30 -18.87
N ASN A 142 20.37 -2.77 -19.12
CA ASN A 142 19.17 -2.00 -18.80
C ASN A 142 18.45 -2.66 -17.64
N HIS A 143 18.55 -2.03 -16.47
CA HIS A 143 18.04 -2.60 -15.24
C HIS A 143 16.52 -2.65 -15.19
N SER A 144 15.86 -1.75 -15.91
CA SER A 144 14.41 -1.66 -15.84
C SER A 144 13.70 -2.91 -16.35
N ALA A 145 14.41 -3.79 -17.06
CA ALA A 145 13.82 -4.95 -17.71
C ALA A 145 14.27 -6.27 -17.12
N ILE A 146 15.59 -6.43 -16.95
CA ILE A 146 16.17 -7.58 -16.29
C ILE A 146 15.49 -7.85 -14.96
N PHE A 147 15.13 -6.79 -14.23
CA PHE A 147 14.40 -6.95 -12.98
C PHE A 147 13.08 -7.67 -13.21
N ASP A 148 12.35 -7.22 -14.24
CA ASP A 148 10.98 -7.65 -14.41
C ASP A 148 10.90 -9.15 -14.65
N LEU A 149 11.79 -9.68 -15.48
CA LEU A 149 11.84 -11.12 -15.67
C LEU A 149 12.56 -11.80 -14.51
N ALA A 150 13.40 -11.07 -13.78
CA ALA A 150 14.04 -11.69 -12.63
C ALA A 150 13.01 -12.06 -11.59
N VAL A 151 11.92 -11.31 -11.52
CA VAL A 151 10.76 -11.75 -10.76
C VAL A 151 10.19 -13.02 -11.39
N MET A 152 10.01 -12.98 -12.71
CA MET A 152 9.36 -14.06 -13.44
C MET A 152 10.06 -15.39 -13.24
N TYR A 153 11.36 -15.37 -12.98
CA TYR A 153 12.05 -16.60 -12.59
C TYR A 153 11.70 -16.98 -11.16
N ALA A 154 11.59 -16.00 -10.28
CA ALA A 154 11.38 -16.31 -8.87
C ALA A 154 9.98 -16.80 -8.57
N THR A 155 9.03 -16.61 -9.49
CA THR A 155 7.70 -17.18 -9.28
C THR A 155 7.63 -18.59 -9.84
N GLY A 156 7.87 -18.73 -11.14
CA GLY A 156 7.65 -19.98 -11.83
C GLY A 156 6.23 -20.19 -12.29
N GLY A 157 5.28 -19.36 -11.86
CA GLY A 157 3.89 -19.55 -12.19
C GLY A 157 3.55 -18.96 -13.54
N CYS A 158 4.06 -17.76 -13.79
CA CYS A 158 3.96 -17.14 -15.10
C CYS A 158 5.20 -17.48 -15.90
N ALA A 159 5.22 -17.03 -17.16
CA ALA A 159 6.19 -17.51 -18.14
C ALA A 159 6.17 -19.04 -18.19
N SER A 160 4.99 -19.61 -18.05
CA SER A 160 4.78 -21.04 -17.96
C SER A 160 3.67 -21.46 -18.92
N GLY A 161 3.43 -22.76 -18.99
CA GLY A 161 2.50 -23.27 -19.96
C GLY A 161 2.67 -24.76 -20.14
N ASN A 162 2.81 -25.17 -21.41
CA ASN A 162 2.98 -26.56 -21.78
C ASN A 162 4.10 -26.80 -22.77
N ASP A 163 4.51 -25.78 -23.54
CA ASP A 163 5.63 -25.93 -24.45
C ASP A 163 6.92 -26.16 -23.67
N GLN A 164 8.00 -26.45 -24.42
CA GLN A 164 9.20 -26.98 -23.82
C GLN A 164 9.89 -25.95 -22.92
N THR A 165 9.95 -24.69 -23.34
CA THR A 165 10.73 -23.69 -22.63
C THR A 165 10.17 -23.32 -21.25
N VAL A 166 9.04 -23.89 -20.83
CA VAL A 166 8.53 -23.65 -19.48
C VAL A 166 9.50 -24.23 -18.46
N ILE A 167 9.74 -23.48 -17.39
CA ILE A 167 10.61 -23.92 -16.30
C ILE A 167 9.99 -23.49 -14.98
N PRO A 168 10.03 -24.32 -13.91
CA PRO A 168 9.56 -23.83 -12.61
C PRO A 168 10.50 -22.82 -11.98
N GLN A 169 10.21 -22.49 -10.72
CA GLN A 169 10.95 -21.47 -9.99
C GLN A 169 12.44 -21.78 -9.96
N ASP A 170 13.24 -20.72 -10.02
CA ASP A 170 14.70 -20.82 -9.92
C ASP A 170 15.20 -19.63 -9.11
N SER A 171 15.60 -19.89 -7.87
CA SER A 171 15.96 -18.82 -6.96
C SER A 171 17.23 -18.12 -7.43
N ALA A 172 18.34 -18.86 -7.54
CA ALA A 172 19.64 -18.24 -7.74
C ALA A 172 19.72 -17.51 -9.07
N LYS A 173 19.09 -18.07 -10.11
CA LYS A 173 19.15 -17.47 -11.44
C LYS A 173 18.48 -16.11 -11.45
N ALA A 174 17.55 -15.86 -10.53
CA ALA A 174 16.96 -14.55 -10.36
C ALA A 174 17.78 -13.68 -9.43
N LEU A 175 18.24 -14.29 -8.34
CA LEU A 175 19.09 -13.63 -7.36
C LEU A 175 20.24 -12.89 -8.03
N LEU A 176 20.95 -13.57 -8.92
CA LEU A 176 22.07 -12.94 -9.59
C LEU A 176 21.63 -11.72 -10.36
N TYR A 177 20.47 -11.80 -11.02
CA TYR A 177 19.99 -10.65 -11.77
C TYR A 177 19.68 -9.47 -10.86
N TYR A 178 19.13 -9.76 -9.67
CA TYR A 178 18.94 -8.71 -8.69
C TYR A 178 20.28 -8.05 -8.35
N GLN A 179 21.29 -8.88 -8.11
CA GLN A 179 22.61 -8.35 -7.81
C GLN A 179 23.16 -7.51 -8.95
N ARG A 180 22.83 -7.88 -10.18
CA ARG A 180 23.30 -7.11 -11.32
C ARG A 180 22.62 -5.76 -11.36
N ALA A 181 21.34 -5.72 -10.97
CA ALA A 181 20.61 -4.45 -11.04
C ALA A 181 21.08 -3.50 -9.96
N ALA A 182 21.23 -3.99 -8.74
CA ALA A 182 21.71 -3.12 -7.67
C ALA A 182 23.16 -2.75 -7.88
N GLN A 183 23.97 -3.68 -8.36
CA GLN A 183 25.32 -3.37 -8.79
C GLN A 183 25.31 -2.29 -9.84
N LEU A 184 24.29 -2.29 -10.69
CA LEU A 184 24.09 -1.23 -11.65
C LEU A 184 23.49 -0.01 -10.99
N GLY A 185 22.65 -0.22 -9.97
CA GLY A 185 22.14 0.88 -9.17
C GLY A 185 20.68 1.23 -9.39
N ASN A 186 19.82 0.22 -9.48
CA ASN A 186 18.38 0.45 -9.38
C ASN A 186 17.95 0.29 -7.93
N LEU A 187 16.90 1.01 -7.56
CA LEU A 187 16.56 1.18 -6.15
C LEU A 187 15.84 -0.04 -5.59
N LYS A 188 14.67 -0.35 -6.12
CA LYS A 188 13.84 -1.39 -5.55
C LYS A 188 14.51 -2.75 -5.58
N ALA A 189 15.49 -2.95 -6.45
CA ALA A 189 16.30 -4.15 -6.38
C ALA A 189 17.00 -4.23 -5.04
N LYS A 190 17.84 -3.23 -4.76
CA LYS A 190 18.58 -3.24 -3.52
C LYS A 190 17.66 -3.18 -2.32
N GLN A 191 16.46 -2.61 -2.48
CA GLN A 191 15.44 -2.73 -1.46
C GLN A 191 15.15 -4.19 -1.17
N VAL A 192 14.80 -4.94 -2.22
CA VAL A 192 14.34 -6.30 -1.97
C VAL A 192 15.47 -7.18 -1.49
N LEU A 193 16.72 -6.89 -1.87
CA LEU A 193 17.81 -7.58 -1.22
C LEU A 193 17.80 -7.33 0.28
N ALA A 194 17.70 -6.06 0.67
CA ALA A 194 17.73 -5.72 2.09
C ALA A 194 16.61 -6.40 2.85
N TYR A 195 15.42 -6.42 2.27
CA TYR A 195 14.31 -7.13 2.90
C TYR A 195 14.60 -8.61 2.99
N LYS A 196 15.28 -9.14 1.98
CA LYS A 196 15.48 -10.57 1.91
C LYS A 196 16.44 -11.03 2.99
N TYR A 197 17.49 -10.24 3.23
CA TYR A 197 18.34 -10.52 4.37
C TYR A 197 17.61 -10.28 5.68
N TYR A 198 16.89 -9.16 5.76
CA TYR A 198 16.29 -8.74 7.03
C TYR A 198 15.26 -9.73 7.52
N SER A 199 14.62 -10.47 6.63
CA SER A 199 13.58 -11.40 7.00
C SER A 199 14.05 -12.83 7.10
N GLY A 200 15.14 -13.18 6.43
CA GLY A 200 15.61 -14.54 6.45
C GLY A 200 14.76 -15.39 5.56
N PHE A 201 14.46 -14.88 4.37
CA PHE A 201 13.60 -15.54 3.41
C PHE A 201 14.14 -16.91 3.04
N ASN A 202 15.30 -16.90 2.39
CA ASN A 202 16.07 -18.11 2.15
C ASN A 202 17.42 -18.02 2.85
N VAL A 203 18.15 -16.93 2.62
CA VAL A 203 19.49 -16.74 3.12
C VAL A 203 19.43 -16.43 4.62
N PRO A 204 20.57 -16.32 5.30
CA PRO A 204 20.55 -15.93 6.71
C PRO A 204 20.14 -14.49 6.94
N ARG A 205 20.27 -14.05 8.20
CA ARG A 205 19.67 -12.79 8.64
C ARG A 205 20.50 -11.57 8.20
N ASN A 206 21.72 -11.43 8.74
CA ASN A 206 22.69 -10.43 8.27
C ASN A 206 22.11 -9.01 8.28
N PHE A 207 21.85 -8.51 9.48
CA PHE A 207 21.37 -7.14 9.62
C PHE A 207 22.33 -6.11 9.04
N HIS A 208 23.63 -6.42 9.03
CA HIS A 208 24.63 -5.40 8.72
C HIS A 208 24.48 -4.89 7.29
N LYS A 209 24.48 -5.82 6.33
CA LYS A 209 24.28 -5.47 4.94
C LYS A 209 23.01 -4.65 4.77
N SER A 210 21.89 -5.17 5.30
CA SER A 210 20.60 -4.50 5.28
C SER A 210 20.72 -3.04 5.67
N LEU A 211 21.46 -2.77 6.74
CA LEU A 211 21.69 -1.40 7.15
C LEU A 211 22.43 -0.64 6.06
N VAL A 212 23.45 -1.27 5.47
CA VAL A 212 24.32 -0.57 4.52
C VAL A 212 23.51 -0.08 3.32
N LEU A 213 22.89 -1.02 2.62
CA LEU A 213 22.19 -0.61 1.40
C LEU A 213 20.93 0.17 1.70
N TYR A 214 20.32 -0.03 2.87
CA TYR A 214 19.22 0.85 3.26
C TYR A 214 19.68 2.29 3.36
N ARG A 215 20.72 2.56 4.15
CA ARG A 215 21.16 3.95 4.29
C ARG A 215 21.55 4.53 2.95
N ASP A 216 22.16 3.72 2.07
CA ASP A 216 22.50 4.19 0.74
C ASP A 216 21.26 4.67 0.00
N ILE A 217 20.26 3.79 -0.09
CA ILE A 217 18.95 4.14 -0.66
C ILE A 217 18.44 5.45 -0.09
N ALA A 218 18.48 5.57 1.23
CA ALA A 218 17.85 6.69 1.90
C ALA A 218 18.56 7.99 1.57
N GLU A 219 19.89 7.97 1.46
CA GLU A 219 20.57 9.18 1.05
C GLU A 219 20.19 9.56 -0.37
N GLN A 220 19.99 8.57 -1.24
CA GLN A 220 19.56 8.91 -2.59
C GLN A 220 18.17 9.53 -2.58
N LEU A 221 17.29 9.02 -1.72
CA LEU A 221 15.95 9.59 -1.61
C LEU A 221 15.99 11.00 -1.09
N ARG A 222 16.75 11.24 -0.02
CA ARG A 222 16.90 12.60 0.48
C ARG A 222 17.49 13.52 -0.57
N LYS A 223 18.28 12.97 -1.49
CA LYS A 223 18.80 13.77 -2.59
C LYS A 223 17.77 14.01 -3.67
N SER A 224 16.73 13.19 -3.74
CA SER A 224 15.68 13.43 -4.73
C SER A 224 14.92 14.72 -4.46
N TYR A 225 14.86 15.15 -3.20
CA TYR A 225 14.05 16.28 -2.81
C TYR A 225 14.85 17.58 -2.79
N SER A 226 14.13 18.68 -2.64
CA SER A 226 14.70 20.00 -2.45
C SER A 226 14.90 20.27 -0.96
N ARG A 227 15.83 21.17 -0.66
CA ARG A 227 15.96 21.67 0.70
C ARG A 227 14.65 22.26 1.17
N ASP A 228 14.12 23.20 0.41
CA ASP A 228 12.86 23.86 0.75
C ASP A 228 11.77 22.83 0.93
N GLU A 229 11.56 22.01 -0.10
CA GLU A 229 10.48 21.03 -0.06
C GLU A 229 10.71 20.00 1.02
N TRP A 230 11.96 19.71 1.35
CA TRP A 230 12.22 18.81 2.47
C TRP A 230 11.78 19.43 3.78
N ASP A 231 12.03 20.72 3.96
CA ASP A 231 11.87 21.31 5.27
C ASP A 231 10.45 21.82 5.52
N ILE A 232 9.74 22.23 4.48
CA ILE A 232 8.51 23.00 4.64
C ILE A 232 7.26 22.13 4.48
N VAL A 233 7.22 21.25 3.49
CA VAL A 233 6.05 20.41 3.27
C VAL A 233 6.46 19.14 2.53
N PHE A 234 6.00 18.03 3.01
CA PHE A 234 6.06 16.80 2.24
C PHE A 234 4.84 16.75 1.32
N PRO A 235 5.00 16.45 0.03
CA PRO A 235 4.06 16.95 -0.98
C PRO A 235 2.78 16.15 -1.16
N TYR A 236 2.42 15.26 -0.25
CA TYR A 236 1.12 14.59 -0.28
C TYR A 236 0.93 13.78 -1.56
N TRP A 237 1.72 12.73 -1.66
CA TRP A 237 1.47 11.68 -2.64
C TRP A 237 0.39 10.76 -2.12
N GLU A 238 -0.56 10.43 -2.97
CA GLU A 238 -1.80 9.80 -2.58
C GLU A 238 -1.56 8.31 -2.37
N SER A 239 -2.12 7.77 -1.30
CA SER A 239 -1.71 6.49 -0.76
C SER A 239 -2.64 5.38 -1.16
N TYR A 240 -2.06 4.22 -1.43
CA TYR A 240 -2.79 3.01 -1.78
C TYR A 240 -2.25 1.79 -1.08
N ASN A 241 -1.37 1.94 -0.09
CA ASN A 241 -0.85 0.78 0.62
C ASN A 241 -1.92 0.21 1.54
N VAL A 242 -3.01 -0.28 0.95
CA VAL A 242 -4.19 -0.67 1.68
C VAL A 242 -4.49 -2.12 1.38
N ARG A 243 -5.09 -2.79 2.34
CA ARG A 243 -5.22 -4.23 2.32
C ARG A 243 -6.54 -4.56 1.67
N ILE A 244 -6.50 -4.83 0.37
CA ILE A 244 -7.66 -5.34 -0.32
C ILE A 244 -8.15 -6.60 0.38
N SER A 245 -9.43 -6.89 0.20
CA SER A 245 -10.29 -7.76 0.98
C SER A 245 -10.85 -7.04 2.19
N ASP A 246 -10.45 -5.81 2.46
CA ASP A 246 -11.13 -5.01 3.46
C ASP A 246 -12.35 -4.32 2.89
N PHE A 247 -12.40 -4.12 1.58
CA PHE A 247 -13.59 -3.59 0.94
C PHE A 247 -14.76 -4.52 1.14
N GLU A 248 -14.53 -5.81 0.96
CA GLU A 248 -15.48 -6.86 1.31
C GLU A 248 -15.39 -7.08 2.81
N SER A 249 -15.96 -8.18 3.29
CA SER A 249 -16.01 -8.45 4.73
C SER A 249 -14.61 -8.39 5.35
N GLY A 250 -13.71 -9.20 4.84
CA GLY A 250 -12.37 -9.27 5.39
C GLY A 250 -11.68 -10.52 4.89
N LEU A 251 -10.48 -10.73 5.41
CA LEU A 251 -9.77 -11.96 5.10
C LEU A 251 -10.52 -13.15 5.65
N LEU A 252 -11.25 -12.96 6.74
CA LEU A 252 -12.18 -13.96 7.23
C LEU A 252 -13.26 -13.28 8.05
N GLY A 253 -14.51 -13.60 7.71
CA GLY A 253 -15.69 -13.23 8.43
C GLY A 253 -15.82 -11.75 8.73
N LYS A 254 -16.27 -11.50 9.95
CA LYS A 254 -16.74 -10.19 10.38
C LYS A 254 -16.69 -10.16 11.90
N GLY A 255 -16.08 -9.10 12.43
CA GLY A 255 -15.92 -8.96 13.86
C GLY A 255 -14.71 -9.65 14.46
N LEU A 256 -14.10 -10.60 13.75
CA LEU A 256 -12.98 -11.39 14.24
C LEU A 256 -11.76 -11.18 13.36
N ASN A 257 -11.52 -9.92 13.02
CA ASN A 257 -10.41 -9.52 12.17
C ASN A 257 -9.59 -8.46 12.91
N SER A 258 -8.67 -7.79 12.23
CA SER A 258 -7.82 -6.79 12.89
C SER A 258 -7.42 -5.72 11.90
N VAL A 259 -7.58 -4.46 12.31
CA VAL A 259 -6.90 -3.32 11.70
C VAL A 259 -7.28 -3.15 10.25
N PRO A 260 -8.51 -2.74 9.96
CA PRO A 260 -8.88 -2.38 8.59
C PRO A 260 -8.27 -1.04 8.19
N SER A 261 -7.50 -1.06 7.11
CA SER A 261 -6.67 0.07 6.75
C SER A 261 -7.33 1.04 5.78
N SER A 262 -8.55 0.79 5.35
CA SER A 262 -9.24 1.73 4.47
C SER A 262 -9.61 2.99 5.23
N THR A 263 -9.37 4.15 4.59
CA THR A 263 -9.58 5.47 5.20
C THR A 263 -10.21 6.35 4.14
N VAL A 264 -11.54 6.33 4.06
CA VAL A 264 -12.26 6.86 2.91
C VAL A 264 -13.50 7.64 3.36
N ARG A 265 -13.74 8.76 2.69
CA ARG A 265 -15.04 9.43 2.62
C ARG A 265 -15.56 9.79 4.01
N LYS A 266 -14.86 10.76 4.61
CA LYS A 266 -15.21 11.24 5.94
C LYS A 266 -16.61 11.84 5.94
N ARG A 267 -17.28 11.71 7.09
CA ARG A 267 -18.59 12.31 7.32
C ARG A 267 -18.96 12.12 8.78
N THR A 268 -19.84 13.00 9.28
CA THR A 268 -20.49 12.83 10.56
C THR A 268 -22.00 12.79 10.35
N ARG A 317 -28.21 24.50 7.95
CA ARG A 317 -27.12 23.52 7.95
C ARG A 317 -26.60 23.28 6.53
N ARG A 318 -26.71 24.31 5.70
CA ARG A 318 -26.42 24.19 4.28
C ARG A 318 -24.96 23.84 4.03
N ILE A 319 -24.06 24.58 4.66
CA ILE A 319 -22.67 24.66 4.22
C ILE A 319 -21.89 23.42 4.58
N ILE A 320 -22.29 22.69 5.61
CA ILE A 320 -21.48 21.57 6.05
C ILE A 320 -21.45 20.49 4.98
N ARG A 321 -22.58 20.28 4.29
CA ARG A 321 -22.58 19.33 3.18
C ARG A 321 -21.69 19.83 2.04
N ILE A 322 -21.47 21.14 1.97
CA ILE A 322 -20.47 21.68 1.06
C ILE A 322 -19.08 21.45 1.61
N TYR A 323 -18.89 21.62 2.92
CA TYR A 323 -17.56 21.53 3.52
C TYR A 323 -16.90 20.20 3.22
N TYR A 324 -17.50 19.13 3.75
CA TYR A 324 -17.07 17.77 3.42
C TYR A 324 -16.91 17.61 1.92
N ALA A 325 -17.84 18.18 1.16
CA ALA A 325 -17.86 17.95 -0.28
C ALA A 325 -16.68 18.59 -0.98
N ALA A 326 -15.99 19.51 -0.32
CA ALA A 326 -14.72 20.00 -0.82
C ALA A 326 -13.56 19.25 -0.21
N LEU A 327 -13.68 18.85 1.04
CA LEU A 327 -12.62 18.08 1.68
C LEU A 327 -12.40 16.78 0.94
N ASN A 328 -13.47 16.05 0.65
CA ASN A 328 -13.38 14.86 -0.17
C ASN A 328 -12.79 15.16 -1.53
N ASP A 329 -12.97 16.38 -2.04
CA ASP A 329 -12.36 16.73 -3.32
C ASP A 329 -10.92 17.18 -3.16
N TYR A 330 -10.55 17.65 -1.98
CA TYR A 330 -9.16 17.98 -1.73
C TYR A 330 -8.31 16.76 -1.42
N LYS A 331 -8.92 15.71 -0.85
CA LYS A 331 -8.18 14.51 -0.52
C LYS A 331 -8.96 13.23 -0.82
N GLY A 332 -9.66 13.17 -1.94
CA GLY A 332 -10.24 11.92 -2.36
C GLY A 332 -9.13 10.93 -2.62
N THR A 333 -9.12 9.81 -1.91
CA THR A 333 -7.92 8.98 -1.82
C THR A 333 -7.98 7.76 -2.75
N TYR A 334 -9.11 7.06 -2.81
CA TYR A 334 -9.11 5.71 -3.40
C TYR A 334 -9.64 5.67 -4.83
N SER A 335 -10.88 6.09 -5.03
CA SER A 335 -11.59 5.82 -6.26
C SER A 335 -11.90 7.06 -7.07
N GLN A 336 -11.47 8.23 -6.62
CA GLN A 336 -11.59 9.43 -7.44
C GLN A 336 -10.39 10.32 -7.17
N SER A 337 -9.62 10.57 -8.21
CA SER A 337 -8.47 11.45 -8.15
C SER A 337 -8.87 12.81 -7.63
N ARG A 338 -7.93 13.52 -7.01
CA ARG A 338 -8.21 14.82 -6.43
C ARG A 338 -7.45 15.90 -7.15
N ASN A 339 -7.99 17.11 -7.08
CA ASN A 339 -7.22 18.34 -7.18
C ASN A 339 -8.15 19.48 -6.79
N CYS A 340 -7.57 20.61 -6.43
CA CYS A 340 -8.31 21.58 -5.63
C CYS A 340 -9.20 22.48 -6.47
N GLU A 341 -8.91 22.60 -7.76
CA GLU A 341 -9.31 23.77 -8.55
C GLU A 341 -10.80 24.08 -8.46
N ARG A 342 -11.64 23.07 -8.67
CA ARG A 342 -13.07 23.31 -8.57
C ARG A 342 -13.46 23.50 -7.11
N ALA A 343 -12.85 22.73 -6.21
CA ALA A 343 -13.03 22.95 -4.78
C ALA A 343 -12.55 24.35 -4.40
N LYS A 344 -11.46 24.81 -5.00
CA LYS A 344 -10.91 26.11 -4.63
C LYS A 344 -11.85 27.22 -5.06
N ASN A 345 -12.20 27.24 -6.34
CA ASN A 345 -13.12 28.24 -6.87
C ASN A 345 -14.40 28.26 -6.05
N LEU A 346 -14.93 27.07 -5.79
CA LEU A 346 -16.07 26.92 -4.90
C LEU A 346 -15.82 27.61 -3.58
N LEU A 347 -14.64 27.42 -3.02
CA LEU A 347 -14.39 27.89 -1.67
C LEU A 347 -14.34 29.42 -1.63
N GLU A 348 -13.51 30.00 -2.50
CA GLU A 348 -13.40 31.45 -2.57
C GLU A 348 -14.74 32.11 -2.86
N LEU A 349 -15.58 31.45 -3.66
CA LEU A 349 -16.97 31.87 -3.75
C LEU A 349 -17.61 31.99 -2.38
N THR A 350 -17.36 31.02 -1.51
CA THR A 350 -17.97 31.07 -0.18
C THR A 350 -17.46 32.25 0.61
N TYR A 351 -16.15 32.51 0.57
CA TYR A 351 -15.66 33.62 1.38
C TYR A 351 -16.15 34.95 0.84
N LYS A 352 -16.17 35.13 -0.48
CA LYS A 352 -16.77 36.35 -1.03
C LYS A 352 -18.25 36.42 -0.68
N GLU A 353 -18.89 35.29 -0.42
CA GLU A 353 -20.32 35.31 -0.15
C GLU A 353 -20.62 35.70 1.29
N PHE A 354 -20.09 34.96 2.25
CA PHE A 354 -20.57 35.03 3.62
C PHE A 354 -20.12 36.27 4.38
N GLN A 355 -18.96 36.82 4.05
CA GLN A 355 -18.25 37.67 5.01
C GLN A 355 -19.01 38.89 5.51
N PRO A 356 -19.71 39.69 4.69
CA PRO A 356 -20.47 40.78 5.30
C PRO A 356 -21.62 40.25 6.12
N HIS A 357 -22.21 39.15 5.68
CA HIS A 357 -23.27 38.46 6.40
C HIS A 357 -22.62 37.54 7.43
N VAL A 358 -21.97 38.17 8.42
CA VAL A 358 -21.38 37.46 9.53
C VAL A 358 -21.89 38.11 10.81
N ASP A 359 -23.05 37.67 11.25
CA ASP A 359 -23.54 37.83 12.60
C ASP A 359 -23.17 36.53 13.34
N ASN A 360 -23.87 36.23 14.44
CA ASN A 360 -23.81 34.91 15.06
C ASN A 360 -23.84 33.80 14.02
N LEU A 361 -24.92 33.73 13.26
CA LEU A 361 -25.11 32.74 12.20
C LEU A 361 -24.75 31.33 12.67
N ASP A 362 -25.51 30.84 13.64
CA ASP A 362 -25.55 29.41 13.93
C ASP A 362 -24.17 28.91 14.36
N PRO A 363 -23.77 29.05 15.64
CA PRO A 363 -22.39 28.77 16.05
C PRO A 363 -21.83 27.43 15.60
N LEU A 364 -22.71 26.49 15.27
CA LEU A 364 -22.29 25.23 14.69
C LEU A 364 -21.93 25.39 13.22
N GLN A 365 -22.53 26.35 12.54
CA GLN A 365 -22.20 26.58 11.14
C GLN A 365 -20.86 27.28 11.00
N VAL A 366 -20.64 28.34 11.78
CA VAL A 366 -19.39 29.09 11.73
C VAL A 366 -18.21 28.20 12.07
N PHE A 367 -18.43 27.18 12.90
CA PHE A 367 -17.43 26.16 13.14
C PHE A 367 -16.87 25.63 11.82
N TYR A 368 -17.74 25.09 10.98
CA TYR A 368 -17.28 24.54 9.71
C TYR A 368 -16.82 25.64 8.76
N TYR A 369 -17.35 26.85 8.92
CA TYR A 369 -16.82 27.98 8.16
C TYR A 369 -15.35 28.15 8.42
N VAL A 370 -14.98 28.36 9.69
CA VAL A 370 -13.59 28.65 9.99
C VAL A 370 -12.72 27.43 9.73
N ARG A 371 -13.28 26.23 9.79
CA ARG A 371 -12.48 25.07 9.40
C ARG A 371 -12.15 25.13 7.92
N CYS A 372 -13.11 25.56 7.10
CA CYS A 372 -12.80 25.70 5.69
C CYS A 372 -11.84 26.84 5.47
N LEU A 373 -11.79 27.79 6.40
CA LEU A 373 -10.80 28.85 6.33
C LEU A 373 -9.40 28.30 6.59
N GLN A 374 -9.26 27.44 7.61
CA GLN A 374 -8.01 26.74 7.87
C GLN A 374 -7.51 26.07 6.60
N LEU A 375 -8.35 25.20 6.05
CA LEU A 375 -8.11 24.56 4.76
C LEU A 375 -7.65 25.55 3.72
N LEU A 376 -8.38 26.65 3.60
CA LEU A 376 -8.16 27.62 2.54
C LEU A 376 -6.78 28.24 2.63
N GLY A 377 -6.44 28.75 3.81
CA GLY A 377 -5.12 29.30 3.99
C GLY A 377 -4.03 28.29 3.69
N HIS A 378 -4.27 27.04 4.08
CA HIS A 378 -3.31 25.99 3.72
C HIS A 378 -3.25 25.81 2.22
N MET A 379 -4.30 26.20 1.50
CA MET A 379 -4.33 26.02 0.06
C MET A 379 -3.61 27.14 -0.67
N TYR A 380 -3.77 28.39 -0.21
CA TYR A 380 -2.97 29.45 -0.80
C TYR A 380 -1.50 29.25 -0.50
N PHE A 381 -1.17 28.91 0.74
CA PHE A 381 0.21 28.60 1.05
C PHE A 381 0.67 27.33 0.35
N THR A 382 -0.26 26.47 -0.05
CA THR A 382 0.11 25.27 -0.78
C THR A 382 0.59 25.61 -2.19
N GLY A 383 -0.20 26.40 -2.93
CA GLY A 383 0.07 26.61 -4.33
C GLY A 383 -0.56 25.58 -5.24
N GLU A 384 -1.64 24.96 -4.80
CA GLU A 384 -2.36 23.99 -5.60
C GLU A 384 -3.38 24.73 -6.46
N GLY A 385 -3.52 24.32 -7.72
CA GLY A 385 -4.46 24.95 -8.63
C GLY A 385 -3.98 26.24 -9.24
N SER A 386 -3.21 27.04 -8.52
CA SER A 386 -2.62 28.26 -9.04
C SER A 386 -1.28 27.95 -9.69
N SER A 387 -0.75 28.96 -10.38
CA SER A 387 0.61 28.86 -10.87
C SER A 387 1.61 29.04 -9.74
N LYS A 388 1.20 29.68 -8.65
CA LYS A 388 2.08 29.98 -7.53
C LYS A 388 1.24 30.09 -6.27
N PRO A 389 1.86 30.03 -5.10
CA PRO A 389 1.15 30.32 -3.86
C PRO A 389 1.16 31.80 -3.54
N ASN A 390 0.16 32.22 -2.76
CA ASN A 390 0.06 33.58 -2.25
C ASN A 390 0.16 33.56 -0.75
N ILE A 391 1.31 34.01 -0.24
CA ILE A 391 1.49 34.16 1.19
C ILE A 391 0.57 35.21 1.77
N HIS A 392 0.15 36.19 0.96
CA HIS A 392 -0.40 37.40 1.53
C HIS A 392 -1.90 37.26 1.80
N MET A 393 -2.69 37.01 0.75
CA MET A 393 -4.11 36.74 0.95
C MET A 393 -4.32 35.59 1.93
N ALA A 394 -3.41 34.62 1.90
CA ALA A 394 -3.33 33.64 2.97
C ALA A 394 -3.21 34.31 4.33
N GLU A 395 -2.30 35.27 4.44
CA GLU A 395 -2.06 35.91 5.73
C GLU A 395 -3.31 36.61 6.25
N GLU A 396 -3.90 37.48 5.42
CA GLU A 396 -5.11 38.17 5.86
C GLU A 396 -6.22 37.19 6.18
N ILE A 397 -6.39 36.16 5.36
CA ILE A 397 -7.58 35.35 5.47
C ILE A 397 -7.51 34.48 6.72
N LEU A 398 -6.34 33.90 7.01
CA LEU A 398 -6.30 33.02 8.17
C LEU A 398 -6.12 33.83 9.45
N THR A 399 -5.34 34.91 9.40
CA THR A 399 -5.24 35.77 10.57
C THR A 399 -6.60 36.29 10.97
N THR A 400 -7.42 36.64 9.98
CA THR A 400 -8.82 36.88 10.23
C THR A 400 -9.45 35.67 10.91
N SER A 401 -9.19 34.47 10.37
CA SER A 401 -9.82 33.26 10.89
C SER A 401 -9.58 33.11 12.38
N LEU A 402 -8.37 33.42 12.83
CA LEU A 402 -8.11 33.43 14.26
C LEU A 402 -8.79 34.59 14.94
N GLU A 403 -8.92 35.72 14.24
CA GLU A 403 -9.65 36.85 14.81
C GLU A 403 -11.08 36.46 15.15
N ILE A 404 -11.66 35.53 14.38
CA ILE A 404 -12.95 34.97 14.77
C ILE A 404 -12.76 33.94 15.88
N SER A 405 -11.75 33.07 15.73
CA SER A 405 -11.66 31.90 16.57
C SER A 405 -11.46 32.25 18.03
N ARG A 406 -11.00 33.47 18.31
CA ARG A 406 -11.15 34.06 19.64
C ARG A 406 -12.56 33.86 20.14
N ARG A 407 -13.52 34.21 19.29
CA ARG A 407 -14.93 34.00 19.58
C ARG A 407 -15.27 32.55 19.27
N ALA A 408 -15.88 31.89 20.25
CA ALA A 408 -16.28 30.48 20.22
C ALA A 408 -15.12 29.52 20.42
N GLN A 409 -13.87 30.00 20.41
CA GLN A 409 -12.72 29.27 20.95
C GLN A 409 -12.55 27.92 20.28
N GLY A 410 -12.80 27.91 18.97
CA GLY A 410 -12.80 26.68 18.21
C GLY A 410 -11.43 26.17 17.86
N PRO A 411 -11.36 25.16 17.00
CA PRO A 411 -10.05 24.61 16.57
C PRO A 411 -9.25 25.66 15.79
N ILE A 412 -7.95 25.70 16.05
CA ILE A 412 -7.08 26.75 15.58
C ILE A 412 -5.77 26.21 14.98
N GLY A 413 -5.64 24.90 14.86
CA GLY A 413 -4.32 24.31 14.74
C GLY A 413 -3.56 24.70 13.49
N ARG A 414 -3.99 24.15 12.34
CA ARG A 414 -3.19 24.25 11.13
C ARG A 414 -2.92 25.69 10.75
N ALA A 415 -3.79 26.60 11.14
CA ALA A 415 -3.54 28.01 10.97
C ALA A 415 -2.34 28.44 11.80
N CYS A 416 -2.28 27.95 13.04
CA CYS A 416 -1.12 28.27 13.85
C CYS A 416 0.14 27.66 13.27
N ILE A 417 0.05 26.47 12.67
CA ILE A 417 1.23 25.88 12.07
C ILE A 417 1.72 26.75 10.92
N ASP A 418 0.90 26.90 9.90
CA ASP A 418 1.41 27.55 8.70
C ASP A 418 1.64 29.04 8.89
N LEU A 419 0.99 29.63 9.89
CA LEU A 419 1.32 31.01 10.26
C LEU A 419 2.68 31.06 10.91
N GLY A 420 2.92 30.15 11.85
CA GLY A 420 4.23 30.05 12.46
C GLY A 420 5.29 29.53 11.52
N LEU A 421 4.89 29.11 10.32
CA LEU A 421 5.84 28.62 9.33
C LEU A 421 6.17 29.72 8.33
N ILE A 422 5.15 30.42 7.85
CA ILE A 422 5.38 31.50 6.92
C ILE A 422 6.10 32.65 7.58
N ASN A 423 5.87 32.87 8.87
CA ASN A 423 6.69 33.89 9.54
C ASN A 423 8.13 33.42 9.67
N GLN A 424 8.37 32.12 9.54
CA GLN A 424 9.67 31.53 9.85
C GLN A 424 10.62 31.51 8.67
N TYR A 425 10.11 31.72 7.47
CA TYR A 425 10.94 31.71 6.26
C TYR A 425 10.69 32.89 5.34
N ILE A 426 9.54 33.54 5.45
CA ILE A 426 9.32 34.78 4.70
C ILE A 426 9.70 35.97 5.56
N THR A 427 9.13 36.05 6.76
CA THR A 427 9.60 37.00 7.75
C THR A 427 10.70 36.29 8.53
N ASN A 428 11.17 36.91 9.61
CA ASN A 428 12.18 36.29 10.45
C ASN A 428 11.96 36.63 11.92
N ASN A 429 10.69 36.78 12.32
CA ASN A 429 10.35 36.77 13.74
C ASN A 429 10.22 35.33 14.21
N ILE A 430 11.40 34.75 14.49
CA ILE A 430 11.48 33.48 15.20
C ILE A 430 10.62 33.51 16.45
N SER A 431 10.75 34.59 17.20
CA SER A 431 10.26 34.67 18.58
C SER A 431 8.79 34.30 18.69
N GLN A 432 7.93 34.99 17.95
CA GLN A 432 6.53 34.64 17.93
C GLN A 432 6.32 33.25 17.37
N ALA A 433 7.17 32.83 16.45
CA ALA A 433 6.98 31.55 15.80
C ALA A 433 7.02 30.40 16.80
N ILE A 434 7.93 30.51 17.77
CA ILE A 434 7.89 29.57 18.89
C ILE A 434 6.56 29.68 19.60
N SER A 435 6.04 30.90 19.75
CA SER A 435 4.78 31.06 20.46
C SER A 435 3.66 30.35 19.74
N TYR A 436 3.69 30.34 18.42
CA TYR A 436 2.60 29.72 17.67
C TYR A 436 2.74 28.21 17.67
N TYR A 437 3.92 27.72 17.26
CA TYR A 437 4.20 26.29 17.29
C TYR A 437 3.87 25.71 18.65
N MET A 438 4.37 26.35 19.69
CA MET A 438 4.11 25.88 21.04
C MET A 438 2.64 26.04 21.40
N LYS A 439 1.97 27.03 20.82
CA LYS A 439 0.56 27.22 21.12
C LYS A 439 -0.29 26.13 20.50
N ALA A 440 0.21 25.46 19.46
CA ALA A 440 -0.54 24.41 18.78
C ALA A 440 0.09 23.03 18.95
N MET A 441 1.06 22.88 19.84
CA MET A 441 1.85 21.67 19.82
C MET A 441 1.07 20.46 20.34
N LYS A 442 0.21 20.64 21.34
CA LYS A 442 -0.62 19.53 21.80
C LYS A 442 -1.80 19.26 20.88
N THR A 443 -1.97 20.06 19.83
CA THR A 443 -3.10 19.88 18.93
C THR A 443 -3.05 18.49 18.29
N GLN A 444 -4.23 17.95 18.02
CA GLN A 444 -4.31 16.63 17.42
C GLN A 444 -3.72 16.62 16.01
N ALA A 445 -3.94 17.71 15.26
CA ALA A 445 -3.43 17.79 13.90
C ALA A 445 -1.91 17.82 13.83
N ASN A 446 -1.24 18.17 14.92
CA ASN A 446 0.21 18.02 14.98
C ASN A 446 0.56 16.56 14.78
N ASN A 447 1.20 16.26 13.65
CA ASN A 447 1.61 14.89 13.39
C ASN A 447 3.02 14.71 13.92
N GLY A 448 3.98 15.37 13.28
CA GLY A 448 5.31 15.54 13.83
C GLY A 448 5.95 16.83 13.36
N ILE A 449 5.16 17.68 12.69
CA ILE A 449 5.74 18.74 11.88
C ILE A 449 6.34 19.78 12.80
N VAL A 450 5.64 20.08 13.88
CA VAL A 450 6.04 21.13 14.80
C VAL A 450 7.41 20.82 15.38
N GLU A 451 7.50 19.69 16.07
CA GLU A 451 8.73 19.29 16.76
C GLU A 451 9.90 19.25 15.80
N PHE A 452 9.68 18.66 14.62
CA PHE A 452 10.72 18.60 13.62
C PHE A 452 11.15 20.00 13.21
N GLN A 453 10.23 20.96 13.23
CA GLN A 453 10.58 22.31 12.86
C GLN A 453 11.30 23.02 14.00
N LEU A 454 11.08 22.59 15.24
CA LEU A 454 11.70 23.25 16.38
C LEU A 454 13.13 22.81 16.55
N SER A 455 13.36 21.50 16.46
CA SER A 455 14.68 20.96 16.74
C SER A 455 15.72 21.54 15.81
N LYS A 456 15.32 21.91 14.60
CA LYS A 456 16.12 22.74 13.72
C LYS A 456 16.64 23.97 14.46
N LEU A 457 15.72 24.72 15.04
CA LEU A 457 16.11 25.97 15.68
C LEU A 457 16.89 25.72 16.95
N ALA A 458 16.62 24.61 17.62
CA ALA A 458 17.41 24.22 18.77
C ALA A 458 18.87 24.02 18.38
N THR A 459 19.10 23.20 17.36
CA THR A 459 20.47 22.96 16.91
C THR A 459 21.09 24.21 16.30
N SER A 460 20.29 25.16 15.83
CA SER A 460 20.85 26.37 15.25
C SER A 460 21.07 27.42 16.33
N PHE A 461 20.05 27.64 17.17
CA PHE A 461 20.08 28.66 18.21
C PHE A 461 20.07 27.93 19.56
N PRO A 462 21.22 27.71 20.20
CA PRO A 462 21.21 26.96 21.46
C PRO A 462 20.54 27.74 22.58
N GLU A 463 19.22 27.67 22.63
CA GLU A 463 18.44 28.45 23.57
C GLU A 463 17.77 27.52 24.57
N GLU A 464 17.74 27.95 25.83
CA GLU A 464 17.31 27.10 26.93
C GLU A 464 15.83 26.78 26.88
N LYS A 465 15.04 27.58 26.16
CA LYS A 465 13.60 27.64 26.38
C LYS A 465 12.90 26.33 26.03
N ILE A 466 13.52 25.51 25.19
CA ILE A 466 12.77 24.58 24.36
C ILE A 466 13.06 23.12 24.69
N GLY A 467 14.24 22.80 25.20
CA GLY A 467 14.61 21.44 25.54
C GLY A 467 15.55 20.84 24.51
N ASP A 468 15.74 19.53 24.63
CA ASP A 468 16.71 18.86 23.79
C ASP A 468 16.09 18.56 22.41
N PRO A 469 16.88 18.58 21.33
CA PRO A 469 16.35 18.12 20.05
C PRO A 469 15.91 16.67 20.09
N PHE A 470 16.69 15.87 20.81
CA PHE A 470 16.53 14.43 20.86
C PHE A 470 15.11 14.02 21.18
N ASN A 471 14.60 14.49 22.31
CA ASN A 471 13.29 14.10 22.77
C ASN A 471 12.21 14.56 21.81
N LEU A 472 12.39 15.72 21.21
CA LEU A 472 11.38 16.26 20.30
C LEU A 472 11.25 15.36 19.08
N MET A 473 12.38 15.13 18.40
CA MET A 473 12.37 14.26 17.24
C MET A 473 11.88 12.87 17.62
N GLU A 474 12.16 12.45 18.85
CA GLU A 474 11.63 11.18 19.32
C GLU A 474 10.12 11.23 19.46
N THR A 475 9.57 12.42 19.71
CA THR A 475 8.13 12.58 19.74
C THR A 475 7.55 12.70 18.34
N ALA A 476 8.39 12.88 17.33
CA ALA A 476 7.91 12.92 15.95
C ALA A 476 8.05 11.60 15.22
N TYR A 477 9.02 10.77 15.58
CA TYR A 477 9.19 9.47 14.94
C TYR A 477 7.90 8.65 14.95
N LEU A 478 7.41 8.37 16.14
CA LEU A 478 6.28 7.46 16.34
C LEU A 478 5.02 7.91 15.63
N ASN A 479 4.81 9.22 15.50
CA ASN A 479 3.52 9.72 15.03
C ASN A 479 3.33 9.56 13.53
N GLY A 480 4.42 9.45 12.78
CA GLY A 480 4.37 9.10 11.37
C GLY A 480 4.91 10.13 10.41
N PHE A 481 5.30 11.31 10.89
CA PHE A 481 5.84 12.31 9.98
C PHE A 481 7.18 11.84 9.45
N ILE A 482 7.32 11.93 8.14
CA ILE A 482 8.29 11.13 7.39
C ILE A 482 9.71 11.67 7.48
N PRO A 483 9.96 12.96 7.28
CA PRO A 483 11.33 13.46 7.43
C PRO A 483 11.92 13.17 8.79
N ALA A 484 11.06 13.15 9.81
CA ALA A 484 11.49 12.90 11.17
C ALA A 484 12.34 11.66 11.28
N ILE A 485 12.04 10.65 10.47
CA ILE A 485 12.77 9.39 10.54
C ILE A 485 14.24 9.63 10.29
N TYR A 486 14.55 10.34 9.21
CA TYR A 486 15.92 10.38 8.71
C TYR A 486 16.82 11.05 9.71
N GLU A 487 16.41 12.22 10.19
CA GLU A 487 17.11 12.87 11.28
C GLU A 487 17.14 11.96 12.49
N PHE A 488 16.00 11.34 12.80
CA PHE A 488 15.92 10.44 13.94
C PHE A 488 16.81 9.23 13.76
N ALA A 489 17.18 8.92 12.51
CA ALA A 489 18.02 7.77 12.23
C ALA A 489 19.48 8.16 12.29
N VAL A 490 19.86 9.12 11.44
CA VAL A 490 21.24 9.57 11.35
C VAL A 490 21.74 10.06 12.69
N MET A 491 20.83 10.55 13.53
CA MET A 491 21.18 10.91 14.89
C MET A 491 21.76 9.72 15.63
N ILE A 492 20.98 8.64 15.72
CA ILE A 492 21.28 7.58 16.67
C ILE A 492 22.48 6.77 16.22
N GLU A 493 22.55 6.46 14.93
CA GLU A 493 23.73 5.80 14.39
C GLU A 493 24.98 6.62 14.66
N SER A 494 24.87 7.94 14.58
CA SER A 494 26.02 8.80 14.87
C SER A 494 26.23 8.97 16.37
N GLY A 495 25.29 8.49 17.17
CA GLY A 495 25.31 8.81 18.59
C GLY A 495 26.48 8.17 19.29
N MET A 496 27.40 9.01 19.78
CA MET A 496 28.41 8.55 20.70
C MET A 496 27.77 7.96 21.95
N ASN A 497 26.61 8.50 22.33
CA ASN A 497 25.76 7.84 23.31
C ASN A 497 25.20 6.53 22.72
N SER A 498 25.63 5.41 23.31
CA SER A 498 25.16 4.12 22.84
C SER A 498 23.70 3.93 23.23
N LYS A 499 22.82 4.13 22.26
CA LYS A 499 21.40 3.94 22.45
C LYS A 499 21.11 2.46 22.27
N SER A 500 19.84 2.09 22.30
CA SER A 500 19.39 0.72 22.51
C SER A 500 20.13 -0.41 21.78
N SER A 501 20.23 -0.37 20.45
CA SER A 501 20.84 -1.46 19.73
C SER A 501 21.28 -1.03 18.33
N VAL A 502 21.71 -2.02 17.55
CA VAL A 502 22.09 -1.79 16.15
C VAL A 502 20.95 -2.13 15.22
N GLU A 503 20.27 -3.25 15.48
CA GLU A 503 19.31 -3.77 14.52
C GLU A 503 18.10 -2.86 14.43
N ASN A 504 17.68 -2.28 15.55
CA ASN A 504 16.55 -1.36 15.54
C ASN A 504 16.79 -0.21 14.59
N THR A 505 18.05 0.19 14.45
CA THR A 505 18.41 1.25 13.50
C THR A 505 17.89 0.92 12.13
N ALA A 506 18.11 -0.32 11.69
CA ALA A 506 17.66 -0.73 10.37
C ALA A 506 16.16 -0.62 10.26
N TYR A 507 15.45 -0.94 11.34
CA TYR A 507 13.99 -0.88 11.32
C TYR A 507 13.52 0.52 11.03
N LEU A 508 14.30 1.51 11.42
CA LEU A 508 13.96 2.88 11.09
C LEU A 508 14.04 3.09 9.60
N PHE A 509 15.16 2.71 9.00
CA PHE A 509 15.45 3.09 7.62
C PHE A 509 14.40 2.55 6.67
N LYS A 510 14.11 1.25 6.76
CA LYS A 510 13.10 0.67 5.91
C LYS A 510 11.76 1.35 6.13
N THR A 511 11.48 1.69 7.38
CA THR A 511 10.20 2.31 7.70
C THR A 511 10.10 3.69 7.07
N PHE A 512 11.24 4.32 6.81
CA PHE A 512 11.25 5.50 5.96
C PHE A 512 11.05 5.12 4.51
N VAL A 513 11.89 4.20 4.03
CA VAL A 513 11.92 3.80 2.62
C VAL A 513 10.52 3.41 2.17
N ASP A 514 9.97 2.38 2.81
CA ASP A 514 8.70 1.82 2.40
C ASP A 514 7.57 2.85 2.46
N LYS A 515 7.76 3.93 3.22
CA LYS A 515 6.69 4.89 3.40
C LYS A 515 6.75 6.04 2.42
N ASN A 516 7.86 6.25 1.72
CA ASN A 516 7.87 7.36 0.77
C ASN A 516 6.98 7.05 -0.42
N GLU A 517 7.06 5.83 -0.93
CA GLU A 517 5.95 5.17 -1.60
C GLU A 517 5.64 5.69 -3.00
N ALA A 518 6.31 6.74 -3.43
CA ALA A 518 6.09 7.31 -4.76
C ALA A 518 7.25 7.02 -5.69
N ILE A 519 8.46 7.25 -5.21
CA ILE A 519 9.64 6.88 -5.98
C ILE A 519 9.74 5.37 -6.10
N MET A 520 9.37 4.66 -5.05
CA MET A 520 9.60 3.22 -4.97
C MET A 520 8.43 2.44 -5.52
N ALA A 521 7.22 2.76 -5.07
CA ALA A 521 6.03 1.94 -5.32
C ALA A 521 4.90 2.78 -5.90
N PRO A 522 5.10 3.36 -7.07
CA PRO A 522 4.02 4.10 -7.74
C PRO A 522 3.02 3.23 -8.47
N LYS A 523 3.27 1.92 -8.52
CA LYS A 523 2.46 1.01 -9.31
C LYS A 523 1.24 0.53 -8.55
N LEU A 524 1.14 0.85 -7.26
CA LEU A 524 -0.08 0.57 -6.54
C LEU A 524 -1.24 1.36 -7.12
N ARG A 525 -0.96 2.52 -7.71
CA ARG A 525 -1.99 3.26 -8.41
C ARG A 525 -2.28 2.65 -9.77
N THR A 526 -1.40 1.81 -10.27
CA THR A 526 -1.67 1.10 -11.51
C THR A 526 -2.44 -0.17 -11.22
N ALA A 527 -1.90 -1.00 -10.34
CA ALA A 527 -2.44 -2.32 -10.06
C ALA A 527 -3.90 -2.24 -9.65
N PHE A 528 -4.18 -1.43 -8.64
CA PHE A 528 -5.55 -1.15 -8.25
C PHE A 528 -6.35 -0.68 -9.45
N ALA A 529 -5.86 0.34 -10.14
CA ALA A 529 -6.61 0.95 -11.23
C ALA A 529 -6.93 -0.06 -12.31
N ALA A 530 -5.89 -0.63 -12.89
CA ALA A 530 -6.06 -1.62 -13.94
C ALA A 530 -6.65 -2.92 -13.45
N LEU A 531 -7.03 -3.01 -12.18
CA LEU A 531 -7.88 -4.09 -11.73
C LEU A 531 -9.33 -3.79 -12.00
N ILE A 532 -9.80 -2.63 -11.55
CA ILE A 532 -11.24 -2.45 -11.36
C ILE A 532 -11.96 -2.42 -12.69
N ASN A 533 -11.31 -1.92 -13.73
CA ASN A 533 -11.89 -2.01 -15.05
C ASN A 533 -12.03 -3.47 -15.47
N ASP A 534 -10.94 -4.23 -15.40
CA ASP A 534 -10.93 -5.64 -15.72
C ASP A 534 -9.55 -6.23 -15.43
N ARG A 535 -9.34 -7.49 -15.83
CA ARG A 535 -8.03 -8.09 -16.02
C ARG A 535 -7.16 -8.03 -14.76
N SER A 536 -7.61 -8.78 -13.76
CA SER A 536 -6.92 -8.87 -12.49
C SER A 536 -5.47 -9.31 -12.64
N GLU A 537 -5.16 -10.07 -13.67
CA GLU A 537 -3.89 -10.79 -13.73
C GLU A 537 -2.70 -9.86 -13.76
N VAL A 538 -2.85 -8.66 -14.32
CA VAL A 538 -1.74 -7.75 -14.42
C VAL A 538 -1.47 -7.09 -13.08
N ALA A 539 -2.54 -6.74 -12.37
CA ALA A 539 -2.43 -6.33 -10.98
C ALA A 539 -1.76 -7.42 -10.17
N LEU A 540 -2.15 -8.65 -10.44
CA LEU A 540 -1.57 -9.79 -9.75
C LEU A 540 -0.08 -9.85 -10.00
N TRP A 541 0.35 -9.51 -11.21
CA TRP A 541 1.78 -9.44 -11.44
C TRP A 541 2.41 -8.29 -10.69
N ALA A 542 1.70 -7.19 -10.53
CA ALA A 542 2.27 -6.03 -9.86
C ALA A 542 2.47 -6.31 -8.39
N TYR A 543 1.44 -6.81 -7.72
CA TYR A 543 1.61 -7.25 -6.35
C TYR A 543 2.63 -8.37 -6.26
N SER A 544 2.76 -9.16 -7.32
CA SER A 544 3.83 -10.14 -7.40
C SER A 544 5.17 -9.52 -7.70
N GLN A 545 5.22 -8.20 -7.87
CA GLN A 545 6.45 -7.45 -8.02
C GLN A 545 6.77 -6.63 -6.79
N LEU A 546 5.78 -6.40 -5.93
CA LEU A 546 5.97 -5.68 -4.68
C LEU A 546 5.91 -6.58 -3.48
N ALA A 547 5.32 -7.76 -3.61
CA ALA A 547 5.35 -8.72 -2.52
C ALA A 547 6.78 -9.09 -2.16
N GLU A 548 7.67 -9.04 -3.14
CA GLU A 548 9.07 -9.33 -2.88
C GLU A 548 9.70 -8.17 -2.14
N GLN A 549 9.20 -6.96 -2.37
CA GLN A 549 9.53 -5.87 -1.47
C GLN A 549 8.78 -6.08 -0.16
N GLY A 550 8.99 -5.18 0.77
CA GLY A 550 8.51 -5.38 2.12
C GLY A 550 7.11 -4.86 2.35
N TYR A 551 6.24 -5.05 1.38
CA TYR A 551 4.87 -4.55 1.43
C TYR A 551 3.93 -5.70 1.72
N GLU A 552 3.55 -5.82 2.99
CA GLU A 552 2.57 -6.79 3.44
C GLU A 552 1.29 -6.71 2.62
N THR A 553 0.87 -5.49 2.30
CA THR A 553 -0.42 -5.29 1.64
C THR A 553 -0.45 -5.98 0.30
N ALA A 554 0.66 -5.93 -0.41
CA ALA A 554 0.73 -6.59 -1.70
C ALA A 554 0.72 -8.09 -1.53
N GLN A 555 1.35 -8.60 -0.47
CA GLN A 555 1.39 -10.03 -0.25
C GLN A 555 -0.02 -10.58 -0.08
N VAL A 556 -0.73 -10.06 0.91
CA VAL A 556 -2.06 -10.59 1.16
C VAL A 556 -3.03 -10.17 0.07
N SER A 557 -2.70 -9.13 -0.68
CA SER A 557 -3.55 -8.75 -1.80
C SER A 557 -3.48 -9.80 -2.90
N ALA A 558 -2.26 -10.07 -3.37
CA ALA A 558 -2.07 -11.04 -4.43
C ALA A 558 -2.56 -12.41 -4.01
N ALA A 559 -2.27 -12.79 -2.78
CA ALA A 559 -2.72 -14.09 -2.31
C ALA A 559 -4.25 -14.14 -2.27
N TYR A 560 -4.86 -13.05 -1.81
CA TYR A 560 -6.31 -12.97 -1.78
C TYR A 560 -6.90 -13.02 -3.19
N LEU A 561 -6.09 -12.70 -4.20
CA LEU A 561 -6.52 -12.91 -5.57
C LEU A 561 -6.30 -14.33 -6.03
N MET A 562 -5.29 -14.98 -5.47
CA MET A 562 -4.94 -16.33 -5.89
C MET A 562 -5.83 -17.37 -5.22
N TYR A 563 -6.21 -17.11 -3.98
CA TYR A 563 -7.07 -18.00 -3.21
C TYR A 563 -8.07 -17.17 -2.43
N GLN A 564 -9.34 -17.29 -2.80
CA GLN A 564 -10.43 -16.82 -1.98
C GLN A 564 -10.89 -17.96 -1.09
N LEU A 565 -11.46 -17.60 0.05
CA LEU A 565 -11.94 -18.61 0.96
C LEU A 565 -13.28 -19.15 0.49
N PRO A 566 -13.44 -20.45 0.26
CA PRO A 566 -14.76 -20.97 -0.07
C PRO A 566 -15.64 -20.98 1.17
N TYR A 567 -16.90 -20.66 0.94
CA TYR A 567 -17.86 -20.76 2.02
C TYR A 567 -18.03 -22.23 2.40
N GLU A 568 -18.57 -22.44 3.61
CA GLU A 568 -18.60 -23.79 4.19
C GLU A 568 -19.40 -24.76 3.32
N PHE A 569 -20.31 -24.25 2.51
CA PHE A 569 -21.29 -25.10 1.84
C PHE A 569 -20.72 -25.72 0.57
N GLU A 570 -20.31 -24.89 -0.39
CA GLU A 570 -20.37 -25.33 -1.78
C GLU A 570 -19.16 -26.16 -2.22
N ASP A 571 -17.97 -25.56 -2.25
CA ASP A 571 -16.87 -26.17 -2.98
C ASP A 571 -15.59 -25.37 -2.74
N PRO A 572 -14.41 -26.01 -2.61
CA PRO A 572 -13.16 -25.27 -2.72
C PRO A 572 -12.83 -24.96 -4.17
N PRO A 573 -11.71 -24.26 -4.43
CA PRO A 573 -11.40 -23.87 -5.80
C PRO A 573 -10.93 -25.03 -6.67
N ARG A 574 -10.51 -24.71 -7.88
CA ARG A 574 -10.10 -25.68 -8.89
C ARG A 574 -8.83 -25.20 -9.57
N THR A 575 -7.87 -24.72 -8.79
CA THR A 575 -6.71 -24.02 -9.29
C THR A 575 -5.47 -24.92 -9.34
N THR A 576 -4.33 -24.32 -9.65
CA THR A 576 -3.07 -25.01 -9.78
C THR A 576 -2.43 -25.21 -8.41
N ASP A 577 -1.55 -26.21 -8.33
CA ASP A 577 -0.88 -26.51 -7.08
C ASP A 577 0.29 -25.57 -6.86
N GLN A 578 1.07 -25.32 -7.91
CA GLN A 578 2.11 -24.31 -7.90
C GLN A 578 1.59 -22.99 -7.34
N ARG A 579 0.48 -22.52 -7.91
CA ARG A 579 -0.16 -21.28 -7.49
C ARG A 579 -0.35 -21.25 -5.98
N LYS A 580 -0.78 -22.37 -5.42
CA LYS A 580 -0.94 -22.46 -3.98
C LYS A 580 0.43 -22.43 -3.29
N THR A 581 1.43 -23.06 -3.89
CA THR A 581 2.78 -23.04 -3.32
C THR A 581 3.32 -21.62 -3.23
N LEU A 582 2.81 -20.70 -4.05
CA LEU A 582 3.22 -19.30 -4.01
C LEU A 582 2.40 -18.54 -2.99
N ALA A 583 1.08 -18.73 -3.06
CA ALA A 583 0.15 -18.08 -2.15
C ALA A 583 0.52 -18.33 -0.69
N ILE A 584 0.81 -19.58 -0.35
CA ILE A 584 1.13 -19.91 1.03
C ILE A 584 2.35 -19.15 1.49
N SER A 585 3.33 -18.97 0.61
CA SER A 585 4.53 -18.25 0.99
C SER A 585 4.20 -16.79 1.27
N TYR A 586 3.36 -16.20 0.42
CA TYR A 586 2.94 -14.82 0.65
C TYR A 586 2.20 -14.68 1.98
N TYR A 587 1.19 -15.52 2.22
CA TYR A 587 0.47 -15.46 3.49
C TYR A 587 1.41 -15.62 4.68
N THR A 588 2.37 -16.53 4.57
CA THR A 588 3.31 -16.74 5.67
C THR A 588 4.10 -15.48 5.98
N ARG A 589 4.72 -14.90 4.96
CA ARG A 589 5.50 -13.70 5.21
C ARG A 589 4.62 -12.56 5.72
N ALA A 590 3.37 -12.49 5.27
CA ALA A 590 2.47 -11.49 5.81
C ALA A 590 2.20 -11.76 7.28
N PHE A 591 2.09 -13.03 7.65
CA PHE A 591 1.89 -13.38 9.04
C PHE A 591 3.04 -12.86 9.88
N LYS A 592 4.26 -13.13 9.46
CA LYS A 592 5.40 -12.68 10.24
C LYS A 592 5.80 -11.24 9.95
N GLN A 593 4.96 -10.48 9.24
CA GLN A 593 4.94 -9.03 9.36
C GLN A 593 3.78 -8.52 10.20
N GLY A 594 2.97 -9.41 10.78
CA GLY A 594 1.99 -9.04 11.78
C GLY A 594 0.60 -9.61 11.56
N ASN A 595 0.16 -9.74 10.31
CA ASN A 595 -1.23 -10.08 10.06
C ASN A 595 -1.51 -11.51 10.48
N ILE A 596 -1.98 -11.66 11.72
CA ILE A 596 -2.21 -12.97 12.31
C ILE A 596 -3.19 -13.78 11.48
N ASP A 597 -4.18 -13.10 10.87
CA ASP A 597 -5.26 -13.78 10.19
C ASP A 597 -4.76 -14.65 9.05
N ALA A 598 -3.74 -14.16 8.33
CA ALA A 598 -3.18 -14.91 7.22
C ALA A 598 -2.75 -16.30 7.64
N GLY A 599 -2.19 -16.41 8.85
CA GLY A 599 -1.80 -17.72 9.34
C GLY A 599 -2.93 -18.71 9.28
N VAL A 600 -4.09 -18.30 9.78
CA VAL A 600 -5.28 -19.15 9.77
C VAL A 600 -5.55 -19.62 8.36
N VAL A 601 -5.46 -18.70 7.42
CA VAL A 601 -5.81 -19.00 6.03
C VAL A 601 -4.86 -20.05 5.50
N ALA A 602 -3.58 -19.94 5.84
CA ALA A 602 -2.62 -20.95 5.43
C ALA A 602 -3.04 -22.32 5.89
N GLY A 603 -3.49 -22.41 7.15
CA GLY A 603 -3.93 -23.69 7.65
C GLY A 603 -5.11 -24.21 6.87
N ASP A 604 -5.99 -23.31 6.44
CA ASP A 604 -7.16 -23.75 5.69
C ASP A 604 -6.78 -24.24 4.31
N ILE A 605 -5.57 -23.90 3.83
CA ILE A 605 -5.06 -24.57 2.65
C ILE A 605 -4.74 -26.02 2.97
N TYR A 606 -4.01 -26.24 4.06
CA TYR A 606 -3.47 -27.56 4.30
C TYR A 606 -4.51 -28.55 4.79
N PHE A 607 -5.71 -28.10 5.14
CA PHE A 607 -6.82 -29.05 5.25
C PHE A 607 -6.95 -29.86 3.97
N GLN A 608 -6.97 -29.18 2.83
CA GLN A 608 -7.16 -29.87 1.57
C GLN A 608 -5.96 -30.71 1.20
N MET A 609 -4.80 -30.42 1.78
CA MET A 609 -3.57 -31.15 1.55
C MET A 609 -3.28 -32.00 2.78
N GLN A 610 -2.11 -32.63 2.77
CA GLN A 610 -1.52 -33.24 3.94
C GLN A 610 -0.68 -32.17 4.62
N ASN A 611 0.27 -32.57 5.47
CA ASN A 611 1.05 -31.65 6.29
C ASN A 611 0.19 -31.08 7.41
N TYR A 612 -0.62 -31.96 8.01
CA TYR A 612 -1.40 -31.59 9.17
C TYR A 612 -0.50 -31.16 10.31
N SER A 613 0.72 -31.71 10.38
CA SER A 613 1.67 -31.31 11.41
C SER A 613 2.16 -29.90 11.19
N LYS A 614 2.60 -29.59 9.97
CA LYS A 614 3.01 -28.24 9.61
C LYS A 614 1.91 -27.25 9.93
N ALA A 615 0.68 -27.58 9.56
CA ALA A 615 -0.45 -26.72 9.85
C ALA A 615 -0.63 -26.52 11.34
N MET A 616 -0.56 -27.61 12.11
CA MET A 616 -0.74 -27.53 13.55
C MET A 616 0.30 -26.61 14.17
N ALA A 617 1.55 -26.71 13.70
CA ALA A 617 2.57 -25.77 14.13
C ALA A 617 2.20 -24.35 13.76
N LEU A 618 1.52 -24.18 12.63
CA LEU A 618 1.22 -22.84 12.14
C LEU A 618 0.10 -22.20 12.96
N TYR A 619 -1.06 -22.87 13.01
CA TYR A 619 -2.14 -22.52 13.92
C TYR A 619 -1.62 -22.20 15.31
N GLN A 620 -0.87 -23.15 15.86
CA GLN A 620 -0.29 -22.96 17.19
C GLN A 620 0.57 -21.72 17.24
N GLY A 621 1.24 -21.39 16.13
CA GLY A 621 1.97 -20.16 16.07
C GLY A 621 1.07 -18.94 16.14
N ALA A 622 -0.15 -19.08 15.64
CA ALA A 622 -1.08 -17.96 15.67
C ALA A 622 -1.71 -17.77 17.04
N ALA A 623 -2.06 -18.89 17.69
CA ALA A 623 -2.85 -18.81 18.91
C ALA A 623 -2.11 -18.10 20.02
N LEU A 624 -0.79 -18.26 20.07
CA LEU A 624 0.00 -17.62 21.12
C LEU A 624 -0.17 -16.12 21.12
N LYS A 625 -0.44 -15.54 19.95
CA LYS A 625 -0.72 -14.12 19.82
C LYS A 625 -2.22 -13.86 19.78
N TYR A 626 -3.00 -14.65 20.52
CA TYR A 626 -4.36 -14.32 20.86
C TYR A 626 -5.29 -14.21 19.66
N SER A 627 -5.50 -15.33 18.96
CA SER A 627 -6.59 -15.49 18.01
C SER A 627 -7.57 -16.53 18.51
N ILE A 628 -8.60 -16.80 17.70
CA ILE A 628 -9.76 -17.57 18.14
C ILE A 628 -10.02 -18.71 17.18
N GLN A 629 -10.20 -18.37 15.90
CA GLN A 629 -10.46 -19.37 14.87
C GLN A 629 -9.37 -20.43 14.85
N ALA A 630 -8.13 -20.01 15.13
CA ALA A 630 -7.04 -20.94 15.29
C ALA A 630 -7.37 -22.01 16.31
N ILE A 631 -8.05 -21.60 17.38
CA ILE A 631 -8.26 -22.48 18.50
C ILE A 631 -9.36 -23.49 18.19
N TRP A 632 -10.47 -23.02 17.62
CA TRP A 632 -11.53 -23.94 17.24
C TRP A 632 -11.03 -24.94 16.21
N ASN A 633 -10.25 -24.47 15.24
CA ASN A 633 -9.61 -25.40 14.31
C ASN A 633 -8.69 -26.35 15.05
N LEU A 634 -8.07 -25.90 16.13
CA LEU A 634 -7.12 -26.73 16.85
C LEU A 634 -7.83 -27.88 17.56
N GLY A 635 -8.85 -27.55 18.34
CA GLY A 635 -9.63 -28.59 19.00
C GLY A 635 -10.27 -29.52 18.01
N TYR A 636 -10.82 -28.91 16.96
CA TYR A 636 -11.46 -29.70 15.88
C TYR A 636 -10.37 -30.61 15.17
N MET A 637 -9.16 -30.10 14.91
CA MET A 637 -8.12 -30.99 14.30
C MET A 637 -7.87 -32.20 15.28
N HIS A 638 -7.69 -31.95 16.59
CA HIS A 638 -7.48 -33.11 17.55
C HIS A 638 -8.77 -34.04 17.62
N GLU A 639 -9.98 -33.45 17.74
CA GLU A 639 -11.22 -34.31 17.91
C GLU A 639 -11.58 -35.26 16.69
N HIS A 640 -11.58 -34.65 15.50
CA HIS A 640 -11.86 -35.32 14.22
C HIS A 640 -10.66 -35.04 13.23
N GLY A 641 -10.44 -35.88 12.21
CA GLY A 641 -9.35 -35.71 11.25
C GLY A 641 -8.03 -36.34 11.73
N LEU A 642 -6.86 -36.00 11.14
CA LEU A 642 -5.56 -36.69 11.50
C LEU A 642 -4.83 -36.06 12.74
N GLY A 643 -4.86 -36.73 13.92
CA GLY A 643 -4.16 -36.35 15.18
C GLY A 643 -3.10 -37.45 15.51
N VAL A 644 -1.84 -37.13 15.86
CA VAL A 644 -0.84 -38.23 16.13
C VAL A 644 -1.36 -39.13 17.35
N ASN A 645 -1.94 -38.52 18.42
CA ASN A 645 -2.58 -39.19 19.60
C ASN A 645 -4.01 -38.64 19.78
N ARG A 646 -5.01 -39.46 20.07
CA ARG A 646 -6.37 -38.80 20.19
C ARG A 646 -6.72 -38.48 21.62
N ASP A 647 -6.94 -37.21 21.91
CA ASP A 647 -7.33 -36.80 23.31
C ASP A 647 -8.30 -35.62 23.40
N PHE A 648 -9.30 -35.72 24.28
CA PHE A 648 -10.26 -34.63 24.46
C PHE A 648 -10.13 -33.95 25.82
N HIS A 649 -9.06 -34.18 26.58
CA HIS A 649 -8.83 -33.40 27.78
C HIS A 649 -8.43 -31.97 27.42
N LEU A 650 -7.32 -31.83 26.70
CA LEU A 650 -6.86 -30.53 26.24
C LEU A 650 -7.91 -29.84 25.39
N ALA A 651 -8.64 -30.63 24.59
CA ALA A 651 -9.55 -30.09 23.60
C ALA A 651 -10.57 -29.18 24.24
N LYS A 652 -11.26 -29.67 25.25
CA LYS A 652 -12.26 -28.84 25.90
C LYS A 652 -11.63 -27.66 26.61
N ARG A 653 -10.36 -27.73 27.00
CA ARG A 653 -9.71 -26.56 27.55
C ARG A 653 -9.63 -25.47 26.50
N TYR A 654 -9.11 -25.81 25.33
CA TYR A 654 -9.08 -24.85 24.23
C TYR A 654 -10.47 -24.31 23.94
N TYR A 655 -11.42 -25.24 23.71
CA TYR A 655 -12.79 -24.90 23.38
C TYR A 655 -13.46 -24.02 24.42
N ASP A 656 -12.94 -24.00 25.64
CA ASP A 656 -13.53 -23.20 26.71
C ASP A 656 -12.82 -21.88 26.89
N GLN A 657 -11.51 -21.84 26.68
CA GLN A 657 -10.81 -20.58 26.81
C GLN A 657 -11.12 -19.62 25.68
N VAL A 658 -11.63 -20.14 24.54
CA VAL A 658 -12.16 -19.21 23.53
C VAL A 658 -13.25 -18.34 24.15
N SER A 659 -14.16 -18.97 24.89
CA SER A 659 -15.24 -18.25 25.52
C SER A 659 -14.78 -17.51 26.76
N GLU A 660 -13.67 -17.95 27.36
CA GLU A 660 -13.04 -17.14 28.39
C GLU A 660 -12.64 -15.79 27.83
N HIS A 661 -11.98 -15.79 26.67
CA HIS A 661 -11.38 -14.56 26.20
C HIS A 661 -12.39 -13.64 25.54
N ASP A 662 -13.24 -14.19 24.65
CA ASP A 662 -14.05 -13.29 23.82
C ASP A 662 -15.31 -12.79 24.52
N HIS A 663 -16.01 -13.67 25.25
CA HIS A 663 -17.26 -13.39 25.96
C HIS A 663 -18.44 -13.36 25.00
N ARG A 664 -18.23 -13.57 23.70
CA ARG A 664 -19.27 -13.38 22.69
C ARG A 664 -19.64 -14.67 21.98
N PHE A 665 -18.77 -15.68 22.02
CA PHE A 665 -19.06 -17.01 21.50
C PHE A 665 -19.32 -17.96 22.64
N TYR A 666 -20.05 -17.46 23.64
CA TYR A 666 -20.32 -18.21 24.86
C TYR A 666 -21.03 -19.53 24.59
N LEU A 667 -21.71 -19.64 23.45
CA LEU A 667 -22.57 -20.78 23.20
C LEU A 667 -21.86 -21.90 22.45
N ALA A 668 -21.09 -21.57 21.41
CA ALA A 668 -20.56 -22.59 20.54
C ALA A 668 -19.48 -23.40 21.22
N SER A 669 -18.80 -22.79 22.20
CA SER A 669 -17.88 -23.53 23.05
C SER A 669 -18.60 -24.71 23.69
N LYS A 670 -19.59 -24.42 24.52
CA LYS A 670 -20.32 -25.48 25.20
C LYS A 670 -21.10 -26.35 24.23
N LEU A 671 -21.34 -25.87 23.02
CA LEU A 671 -21.95 -26.74 22.01
C LEU A 671 -20.96 -27.82 21.59
N SER A 672 -19.72 -27.40 21.30
CA SER A 672 -18.66 -28.36 21.05
C SER A 672 -18.54 -29.32 22.22
N VAL A 673 -18.75 -28.82 23.43
CA VAL A 673 -18.74 -29.70 24.60
C VAL A 673 -19.90 -30.70 24.51
N LEU A 674 -21.06 -30.24 24.07
CA LEU A 674 -22.21 -31.13 23.96
C LEU A 674 -21.93 -32.28 23.02
N LYS A 675 -21.46 -32.00 21.81
CA LYS A 675 -21.13 -33.09 20.91
C LYS A 675 -20.01 -33.95 21.48
N LEU A 676 -19.08 -33.31 22.20
CA LEU A 676 -17.93 -34.03 22.70
C LEU A 676 -18.34 -35.06 23.74
N HIS A 677 -19.30 -34.72 24.60
CA HIS A 677 -19.80 -35.71 25.55
C HIS A 677 -20.77 -36.66 24.88
N LEU A 678 -21.42 -36.22 23.80
CA LEU A 678 -22.27 -37.13 23.06
C LEU A 678 -21.46 -38.27 22.47
N LYS A 679 -20.18 -38.01 22.16
CA LYS A 679 -19.27 -39.11 21.87
C LYS A 679 -19.23 -40.09 23.04
N SER A 680 -19.12 -39.55 24.25
CA SER A 680 -18.89 -40.39 25.42
C SER A 680 -20.09 -41.26 25.73
N TRP A 681 -21.29 -40.71 25.59
CA TRP A 681 -22.50 -41.49 25.84
C TRP A 681 -22.53 -42.72 24.95
N LEU A 682 -22.20 -42.54 23.67
CA LEU A 682 -22.20 -43.66 22.75
C LEU A 682 -21.09 -44.63 23.08
N THR A 683 -19.90 -44.12 23.40
CA THR A 683 -18.76 -45.01 23.56
C THR A 683 -18.89 -45.84 24.84
N TRP A 684 -19.62 -45.34 25.83
CA TRP A 684 -19.90 -46.15 27.02
C TRP A 684 -20.84 -47.31 26.72
N ILE A 685 -21.54 -47.29 25.57
CA ILE A 685 -22.48 -48.35 25.24
C ILE A 685 -21.75 -49.67 25.05
N THR A 686 -20.54 -49.63 24.51
CA THR A 686 -19.82 -50.84 24.15
C THR A 686 -18.83 -51.22 25.25
#